data_1D58
# 
_entry.id   1D58 
# 
_audit_conform.dict_name       mmcif_pdbx.dic 
_audit_conform.dict_version    5.385 
_audit_conform.dict_location   http://mmcif.pdb.org/dictionaries/ascii/mmcif_pdbx.dic 
# 
loop_
_database_2.database_id 
_database_2.database_code 
_database_2.pdbx_database_accession 
_database_2.pdbx_DOI 
PDB   1D58         pdb_00001d58 10.2210/pdb1d58/pdb 
RCSB  DDF036       ?            ?                   
WWPDB D_1000172659 ?            ?                   
# 
loop_
_pdbx_audit_revision_history.ordinal 
_pdbx_audit_revision_history.data_content_type 
_pdbx_audit_revision_history.major_revision 
_pdbx_audit_revision_history.minor_revision 
_pdbx_audit_revision_history.revision_date 
1 'Structure model' 1 0 1992-10-15 
2 'Structure model' 1 1 2008-05-22 
3 'Structure model' 1 2 2011-07-13 
4 'Structure model' 1 3 2024-02-07 
# 
_pdbx_audit_revision_details.ordinal             1 
_pdbx_audit_revision_details.revision_ordinal    1 
_pdbx_audit_revision_details.data_content_type   'Structure model' 
_pdbx_audit_revision_details.provider            repository 
_pdbx_audit_revision_details.type                'Initial release' 
_pdbx_audit_revision_details.description         ? 
_pdbx_audit_revision_details.details             ? 
# 
loop_
_pdbx_audit_revision_group.ordinal 
_pdbx_audit_revision_group.revision_ordinal 
_pdbx_audit_revision_group.data_content_type 
_pdbx_audit_revision_group.group 
1 2 'Structure model' 'Version format compliance' 
2 3 'Structure model' 'Version format compliance' 
3 4 'Structure model' 'Data collection'           
4 4 'Structure model' 'Database references'       
5 4 'Structure model' 'Derived calculations'      
# 
loop_
_pdbx_audit_revision_category.ordinal 
_pdbx_audit_revision_category.revision_ordinal 
_pdbx_audit_revision_category.data_content_type 
_pdbx_audit_revision_category.category 
1 4 'Structure model' chem_comp_atom 
2 4 'Structure model' chem_comp_bond 
3 4 'Structure model' database_2     
4 4 'Structure model' struct_site    
# 
loop_
_pdbx_audit_revision_item.ordinal 
_pdbx_audit_revision_item.revision_ordinal 
_pdbx_audit_revision_item.data_content_type 
_pdbx_audit_revision_item.item 
1 4 'Structure model' '_database_2.pdbx_DOI'                
2 4 'Structure model' '_database_2.pdbx_database_accession' 
3 4 'Structure model' '_struct_site.pdbx_auth_asym_id'      
4 4 'Structure model' '_struct_site.pdbx_auth_comp_id'      
5 4 'Structure model' '_struct_site.pdbx_auth_seq_id'       
# 
_pdbx_database_status.status_code                     REL 
_pdbx_database_status.entry_id                        1D58 
_pdbx_database_status.recvd_initial_deposition_date   1992-02-20 
_pdbx_database_status.deposit_site                    BNL 
_pdbx_database_status.process_site                    NDB 
_pdbx_database_status.status_code_sf                  REL 
_pdbx_database_status.status_code_mr                  ? 
_pdbx_database_status.SG_entry                        ? 
_pdbx_database_status.pdb_format_compatible           Y 
_pdbx_database_status.status_code_cs                  ? 
_pdbx_database_status.status_code_nmr_data            ? 
_pdbx_database_status.methods_development_category    ? 
# 
loop_
_audit_author.name 
_audit_author.pdbx_ordinal 
;Langlois D'Estaintot, B.
;
1 
'Gallois, B.'              2 
'Brown, T.'                3 
'Hunter, W.N.'             4 
# 
_citation.id                        primary 
_citation.title                     
;The molecular structure of a 4'-epiadriamycin complex with d(TGATCA) at 1.7A resolution: comparison with the structure of 4'-epiadriamycin d(TGTACA) and d(CGATCG) complexes.
;
_citation.journal_abbrev            'Nucleic Acids Res.' 
_citation.journal_volume            20 
_citation.page_first                3561 
_citation.page_last                 3566 
_citation.year                      1992 
_citation.journal_id_ASTM           NARHAD 
_citation.country                   UK 
_citation.journal_id_ISSN           0305-1048 
_citation.journal_id_CSD            0389 
_citation.book_publisher            ? 
_citation.pdbx_database_id_PubMed   1641324 
_citation.pdbx_database_id_DOI      10.1093/nar/20.14.3561 
# 
loop_
_citation_author.citation_id 
_citation_author.name 
_citation_author.ordinal 
_citation_author.identifier_ORCID 
primary 
;Langlois d'Estaintot, B.
;
1 ? 
primary 'Gallois, B.'              2 ? 
primary 'Brown, T.'                3 ? 
primary 'Hunter, W.N.'             4 ? 
# 
loop_
_entity.id 
_entity.type 
_entity.src_method 
_entity.pdbx_description 
_entity.formula_weight 
_entity.pdbx_number_of_molecules 
_entity.pdbx_ec 
_entity.pdbx_mutation 
_entity.pdbx_fragment 
_entity.details 
1 polymer     syn 
;DNA (5'-D(*TP*GP*AP*TP*CP*A)-3')
;
1808.229 1  ? ? ? ? 
2 non-polymer syn "4'-EPIDOXORUBICIN"                544.527  1  ? ? ? ? 
3 water       nat water                              18.015   34 ? ? ? ? 
# 
_entity_poly.entity_id                      1 
_entity_poly.type                           polydeoxyribonucleotide 
_entity_poly.nstd_linkage                   no 
_entity_poly.nstd_monomer                   no 
_entity_poly.pdbx_seq_one_letter_code       '(DT)(DG)(DA)(DT)(DC)(DA)' 
_entity_poly.pdbx_seq_one_letter_code_can   TGATCA 
_entity_poly.pdbx_strand_id                 A 
_entity_poly.pdbx_target_identifier         ? 
# 
loop_
_pdbx_entity_nonpoly.entity_id 
_pdbx_entity_nonpoly.name 
_pdbx_entity_nonpoly.comp_id 
2 "4'-EPIDOXORUBICIN" DM6 
3 water               HOH 
# 
loop_
_entity_poly_seq.entity_id 
_entity_poly_seq.num 
_entity_poly_seq.mon_id 
_entity_poly_seq.hetero 
1 1 DT n 
1 2 DG n 
1 3 DA n 
1 4 DT n 
1 5 DC n 
1 6 DA n 
# 
loop_
_chem_comp.id 
_chem_comp.type 
_chem_comp.mon_nstd_flag 
_chem_comp.name 
_chem_comp.pdbx_synonyms 
_chem_comp.formula 
_chem_comp.formula_weight 
DA  'DNA linking' y "2'-DEOXYADENOSINE-5'-MONOPHOSPHATE" ?                  'C10 H14 N5 O6 P' 331.222 
DC  'DNA linking' y "2'-DEOXYCYTIDINE-5'-MONOPHOSPHATE"  ?                  'C9 H14 N3 O7 P'  307.197 
DG  'DNA linking' y "2'-DEOXYGUANOSINE-5'-MONOPHOSPHATE" ?                  'C10 H14 N5 O7 P' 347.221 
DM6 non-polymer   . "4'-EPIDOXORUBICIN"                  "4'-EPIADRIAMYCIN" 'C27 H30 N O11 1' 544.527 
DT  'DNA linking' y "THYMIDINE-5'-MONOPHOSPHATE"         ?                  'C10 H15 N2 O8 P' 322.208 
HOH non-polymer   . WATER                                ?                  'H2 O'            18.015  
# 
loop_
_pdbx_poly_seq_scheme.asym_id 
_pdbx_poly_seq_scheme.entity_id 
_pdbx_poly_seq_scheme.seq_id 
_pdbx_poly_seq_scheme.mon_id 
_pdbx_poly_seq_scheme.ndb_seq_num 
_pdbx_poly_seq_scheme.pdb_seq_num 
_pdbx_poly_seq_scheme.auth_seq_num 
_pdbx_poly_seq_scheme.pdb_mon_id 
_pdbx_poly_seq_scheme.auth_mon_id 
_pdbx_poly_seq_scheme.pdb_strand_id 
_pdbx_poly_seq_scheme.pdb_ins_code 
_pdbx_poly_seq_scheme.hetero 
A 1 1 DT 1 1 1 DT T A . n 
A 1 2 DG 2 2 2 DG G A . n 
A 1 3 DA 3 3 3 DA A A . n 
A 1 4 DT 4 4 4 DT T A . n 
A 1 5 DC 5 5 5 DC C A . n 
A 1 6 DA 6 6 6 DA A A . n 
# 
loop_
_pdbx_nonpoly_scheme.asym_id 
_pdbx_nonpoly_scheme.entity_id 
_pdbx_nonpoly_scheme.mon_id 
_pdbx_nonpoly_scheme.ndb_seq_num 
_pdbx_nonpoly_scheme.pdb_seq_num 
_pdbx_nonpoly_scheme.auth_seq_num 
_pdbx_nonpoly_scheme.pdb_mon_id 
_pdbx_nonpoly_scheme.auth_mon_id 
_pdbx_nonpoly_scheme.pdb_strand_id 
_pdbx_nonpoly_scheme.pdb_ins_code 
B 2 DM6 1  7  7  DM6 DM6 A . 
C 3 HOH 1  8  8  HOH HOH A . 
C 3 HOH 2  9  9  HOH HOH A . 
C 3 HOH 3  10 10 HOH HOH A . 
C 3 HOH 4  11 11 HOH HOH A . 
C 3 HOH 5  12 12 HOH HOH A . 
C 3 HOH 6  13 13 HOH HOH A . 
C 3 HOH 7  14 14 HOH HOH A . 
C 3 HOH 8  15 15 HOH HOH A . 
C 3 HOH 9  16 16 HOH HOH A . 
C 3 HOH 10 17 17 HOH HOH A . 
C 3 HOH 11 18 18 HOH HOH A . 
C 3 HOH 12 19 19 HOH HOH A . 
C 3 HOH 13 20 20 HOH HOH A . 
C 3 HOH 14 21 21 HOH HOH A . 
C 3 HOH 15 22 22 HOH HOH A . 
C 3 HOH 16 23 23 HOH HOH A . 
C 3 HOH 17 24 24 HOH HOH A . 
C 3 HOH 18 25 25 HOH HOH A . 
C 3 HOH 19 26 26 HOH HOH A . 
C 3 HOH 20 27 27 HOH HOH A . 
C 3 HOH 21 28 28 HOH HOH A . 
C 3 HOH 22 29 29 HOH HOH A . 
C 3 HOH 23 30 30 HOH HOH A . 
C 3 HOH 24 31 31 HOH HOH A . 
C 3 HOH 25 32 32 HOH HOH A . 
C 3 HOH 26 33 33 HOH HOH A . 
C 3 HOH 27 34 34 HOH HOH A . 
C 3 HOH 28 35 35 HOH HOH A . 
C 3 HOH 29 36 36 HOH HOH A . 
C 3 HOH 30 37 37 HOH HOH A . 
C 3 HOH 31 38 38 HOH HOH A . 
C 3 HOH 32 39 39 HOH HOH A . 
C 3 HOH 33 40 40 HOH HOH A . 
C 3 HOH 34 41 41 HOH HOH A . 
# 
_software.name             X-PLOR 
_software.classification   refinement 
_software.version          . 
_software.citation_id      ? 
_software.pdbx_ordinal     1 
# 
_cell.entry_id           1D58 
_cell.length_a           28.014 
_cell.length_b           28.014 
_cell.length_c           52.947 
_cell.angle_alpha        90.00 
_cell.angle_beta         90.00 
_cell.angle_gamma        90.00 
_cell.Z_PDB              8 
_cell.pdbx_unique_axis   ? 
# 
_symmetry.entry_id                         1D58 
_symmetry.space_group_name_H-M             'P 41 21 2' 
_symmetry.pdbx_full_space_group_name_H-M   ? 
_symmetry.cell_setting                     ? 
_symmetry.Int_Tables_number                92 
# 
_exptl.entry_id          1D58 
_exptl.method            'X-RAY DIFFRACTION' 
_exptl.crystals_number   ? 
# 
_exptl_crystal.id                    1 
_exptl_crystal.density_meas          ? 
_exptl_crystal.density_Matthews      2.87 
_exptl_crystal.density_percent_sol   57.18 
_exptl_crystal.description           ? 
# 
_exptl_crystal_grow.crystal_id      1 
_exptl_crystal_grow.method          'VAPOR DIFFUSION' 
_exptl_crystal_grow.temp            277.00 
_exptl_crystal_grow.temp_details    ? 
_exptl_crystal_grow.pH              6.50 
_exptl_crystal_grow.pdbx_details    'pH 6.50, VAPOR DIFFUSION, temperature 277.00K' 
_exptl_crystal_grow.pdbx_pH_range   ? 
# 
loop_
_exptl_crystal_grow_comp.crystal_id 
_exptl_crystal_grow_comp.id 
_exptl_crystal_grow_comp.sol_id 
_exptl_crystal_grow_comp.name 
_exptl_crystal_grow_comp.volume 
_exptl_crystal_grow_comp.conc 
_exptl_crystal_grow_comp.details 
1 1 1 WATER           ? ? ? 
1 2 1 MPD             ? ? ? 
1 3 1 'NA CACODYLATE' ? ? ? 
1 4 1 'MG ACETATE'    ? ? ? 
1 5 1 SPERMINE        ? ? ? 
1 6 2 WATER           ? ? ? 
1 7 2 MPD             ? ? ? 
# 
_diffrn.id                     1 
_diffrn.ambient_temp           295.00 
_diffrn.ambient_temp_details   ? 
_diffrn.crystal_id             1 
# 
_diffrn_detector.diffrn_id              1 
_diffrn_detector.detector               DIFFRACTOMETER 
_diffrn_detector.type                   'RIGAKU AFC-5' 
_diffrn_detector.pdbx_collection_date   ? 
_diffrn_detector.details                ? 
# 
_diffrn_radiation.diffrn_id                        1 
_diffrn_radiation.wavelength_id                    1 
_diffrn_radiation.pdbx_monochromatic_or_laue_m_l   ? 
_diffrn_radiation.monochromator                    ? 
_diffrn_radiation.pdbx_diffrn_protocol             ? 
_diffrn_radiation.pdbx_scattering_type             x-ray 
# 
_diffrn_radiation_wavelength.id           1 
_diffrn_radiation_wavelength.wavelength   . 
_diffrn_radiation_wavelength.wt           1.0 
# 
_diffrn_source.diffrn_id                   1 
_diffrn_source.source                      'ROTATING ANODE' 
_diffrn_source.type                        'RIGAKU RU200' 
_diffrn_source.pdbx_synchrotron_site       ? 
_diffrn_source.pdbx_synchrotron_beamline   ? 
_diffrn_source.pdbx_wavelength             ? 
_diffrn_source.pdbx_wavelength_list        ? 
# 
_reflns.entry_id                     1D58 
_reflns.observed_criterion_sigma_I   ? 
_reflns.observed_criterion_sigma_F   ? 
_reflns.d_resolution_low             ? 
_reflns.d_resolution_high            1.700 
_reflns.number_obs                   5730 
_reflns.number_all                   10067 
_reflns.percent_possible_obs         ? 
_reflns.pdbx_Rmerge_I_obs            ? 
_reflns.pdbx_Rsym_value              ? 
_reflns.pdbx_netI_over_sigmaI        ? 
_reflns.B_iso_Wilson_estimate        ? 
_reflns.pdbx_redundancy              ? 
_reflns.pdbx_diffrn_id               1 
_reflns.pdbx_ordinal                 1 
# 
_refine.entry_id                                 1D58 
_refine.ls_number_reflns_obs                     1694 
_refine.ls_number_reflns_all                     ? 
_refine.pdbx_ls_sigma_I                          ? 
_refine.pdbx_ls_sigma_F                          2.000 
_refine.pdbx_data_cutoff_high_absF               ? 
_refine.pdbx_data_cutoff_low_absF                ? 
_refine.pdbx_data_cutoff_high_rms_absF           ? 
_refine.ls_d_res_low                             7.000 
_refine.ls_d_res_high                            1.700 
_refine.ls_percent_reflns_obs                    ? 
_refine.ls_R_factor_obs                          0.2020000 
_refine.ls_R_factor_all                          ? 
_refine.ls_R_factor_R_work                       0.2020000 
_refine.ls_R_factor_R_free                       ? 
_refine.ls_R_factor_R_free_error                 ? 
_refine.ls_R_factor_R_free_error_details         ? 
_refine.ls_percent_reflns_R_free                 ? 
_refine.ls_number_reflns_R_free                  ? 
_refine.ls_number_parameters                     ? 
_refine.ls_number_restraints                     ? 
_refine.occupancy_min                            ? 
_refine.occupancy_max                            ? 
_refine.B_iso_mean                               ? 
_refine.aniso_B[1][1]                            ? 
_refine.aniso_B[2][2]                            ? 
_refine.aniso_B[3][3]                            ? 
_refine.aniso_B[1][2]                            ? 
_refine.aniso_B[1][3]                            ? 
_refine.aniso_B[2][3]                            ? 
_refine.solvent_model_details                    ? 
_refine.solvent_model_param_ksol                 ? 
_refine.solvent_model_param_bsol                 ? 
_refine.pdbx_ls_cross_valid_method               ? 
_refine.details                                  ? 
_refine.pdbx_starting_model                      ? 
_refine.pdbx_method_to_determine_struct          ? 
_refine.pdbx_isotropic_thermal_model             ? 
_refine.pdbx_stereochemistry_target_values       ? 
_refine.pdbx_stereochem_target_val_spec_case     ? 
_refine.pdbx_R_Free_selection_details            ? 
_refine.pdbx_overall_ESU_R                       ? 
_refine.pdbx_overall_ESU_R_Free                  ? 
_refine.overall_SU_ML                            ? 
_refine.overall_SU_B                             ? 
_refine.pdbx_refine_id                           'X-RAY DIFFRACTION' 
_refine.pdbx_diffrn_id                           1 
_refine.pdbx_TLS_residual_ADP_flag               ? 
_refine.correlation_coeff_Fo_to_Fc               ? 
_refine.correlation_coeff_Fo_to_Fc_free          ? 
_refine.pdbx_solvent_vdw_probe_radii             ? 
_refine.pdbx_solvent_ion_probe_radii             ? 
_refine.pdbx_solvent_shrinkage_radii             ? 
_refine.pdbx_overall_phase_error                 ? 
_refine.overall_SU_R_Cruickshank_DPI             ? 
_refine.pdbx_overall_SU_R_free_Cruickshank_DPI   ? 
_refine.pdbx_overall_SU_R_Blow_DPI               ? 
_refine.pdbx_overall_SU_R_free_Blow_DPI          ? 
# 
_refine_hist.pdbx_refine_id                   'X-RAY DIFFRACTION' 
_refine_hist.cycle_id                         LAST 
_refine_hist.pdbx_number_atoms_protein        0 
_refine_hist.pdbx_number_atoms_nucleic_acid   120 
_refine_hist.pdbx_number_atoms_ligand         39 
_refine_hist.number_atoms_solvent             34 
_refine_hist.number_atoms_total               193 
_refine_hist.d_res_high                       1.700 
_refine_hist.d_res_low                        7.000 
# 
_struct.entry_id                  1D58 
_struct.title                     
;THE MOLECULAR STRUCTURE OF A 4'-EPIADRIAMYCIN COMPLEX WITH D(TGATCA) AT 1.7 ANGSTROM RESOLUTION-COMPARISON WITH THE STRUCTURE OF 4'-EPIADRIAMYCIN D(TGTACA) AND D(CGATCG) COMPLEXES
;
_struct.pdbx_model_details        ? 
_struct.pdbx_CASP_flag            ? 
_struct.pdbx_model_type_details   ? 
# 
_struct_keywords.entry_id        1D58 
_struct_keywords.pdbx_keywords   DNA 
_struct_keywords.text            'RIGHT HANDED DNA, DOUBLE HELIX, COMPLEXED WITH DRUG, DNA' 
# 
loop_
_struct_asym.id 
_struct_asym.pdbx_blank_PDB_chainid_flag 
_struct_asym.pdbx_modified 
_struct_asym.entity_id 
_struct_asym.details 
A N N 1 ? 
B N N 2 ? 
C N N 3 ? 
# 
_struct_ref.id                         1 
_struct_ref.entity_id                  1 
_struct_ref.db_name                    PDB 
_struct_ref.db_code                    1D58 
_struct_ref.pdbx_db_accession          1D58 
_struct_ref.pdbx_db_isoform            ? 
_struct_ref.pdbx_seq_one_letter_code   ? 
_struct_ref.pdbx_align_begin           ? 
# 
_struct_ref_seq.align_id                      1 
_struct_ref_seq.ref_id                        1 
_struct_ref_seq.pdbx_PDB_id_code              1D58 
_struct_ref_seq.pdbx_strand_id                A 
_struct_ref_seq.seq_align_beg                 1 
_struct_ref_seq.pdbx_seq_align_beg_ins_code   ? 
_struct_ref_seq.seq_align_end                 6 
_struct_ref_seq.pdbx_seq_align_end_ins_code   ? 
_struct_ref_seq.pdbx_db_accession             1D58 
_struct_ref_seq.db_align_beg                  1 
_struct_ref_seq.pdbx_db_align_beg_ins_code    ? 
_struct_ref_seq.db_align_end                  6 
_struct_ref_seq.pdbx_db_align_end_ins_code    ? 
_struct_ref_seq.pdbx_auth_seq_align_beg       1 
_struct_ref_seq.pdbx_auth_seq_align_end       6 
# 
_pdbx_struct_assembly.id                   1 
_pdbx_struct_assembly.details              author_defined_assembly 
_pdbx_struct_assembly.method_details       ? 
_pdbx_struct_assembly.oligomeric_details   dimeric 
_pdbx_struct_assembly.oligomeric_count     2 
# 
_pdbx_struct_assembly_gen.assembly_id       1 
_pdbx_struct_assembly_gen.oper_expression   1,2 
_pdbx_struct_assembly_gen.asym_id_list      A,B,C 
# 
loop_
_pdbx_struct_oper_list.id 
_pdbx_struct_oper_list.type 
_pdbx_struct_oper_list.name 
_pdbx_struct_oper_list.symmetry_operation 
_pdbx_struct_oper_list.matrix[1][1] 
_pdbx_struct_oper_list.matrix[1][2] 
_pdbx_struct_oper_list.matrix[1][3] 
_pdbx_struct_oper_list.vector[1] 
_pdbx_struct_oper_list.matrix[2][1] 
_pdbx_struct_oper_list.matrix[2][2] 
_pdbx_struct_oper_list.matrix[2][3] 
_pdbx_struct_oper_list.vector[2] 
_pdbx_struct_oper_list.matrix[3][1] 
_pdbx_struct_oper_list.matrix[3][2] 
_pdbx_struct_oper_list.matrix[3][3] 
_pdbx_struct_oper_list.vector[3] 
1 'identity operation'         1_555 x,y,z            1.0000000000  0.0000000000  0.0000000000  0.0000000000 0.0000000000  1.0000000000  0.0000000000 0.0000000000 0.0000000000  0.0000000000 1.0000000000 0.0000000000  
2 'crystal symmetry operation' 8_665 -y+1,-x+1,-z+1/2 -0.5511160663 -0.3720641305 -0.7468864467 3.1163466978 -0.3720641305 -0.6916091070 0.6190679494 4.8929179648 -0.7468864467 0.6190679494 0.2427251733 -0.5644784498 
# 
_struct_biol.id   1 
# 
loop_
_struct_conn.id 
_struct_conn.conn_type_id 
_struct_conn.pdbx_leaving_atom_flag 
_struct_conn.pdbx_PDB_id 
_struct_conn.ptnr1_label_asym_id 
_struct_conn.ptnr1_label_comp_id 
_struct_conn.ptnr1_label_seq_id 
_struct_conn.ptnr1_label_atom_id 
_struct_conn.pdbx_ptnr1_label_alt_id 
_struct_conn.pdbx_ptnr1_PDB_ins_code 
_struct_conn.pdbx_ptnr1_standard_comp_id 
_struct_conn.ptnr1_symmetry 
_struct_conn.ptnr2_label_asym_id 
_struct_conn.ptnr2_label_comp_id 
_struct_conn.ptnr2_label_seq_id 
_struct_conn.ptnr2_label_atom_id 
_struct_conn.pdbx_ptnr2_label_alt_id 
_struct_conn.pdbx_ptnr2_PDB_ins_code 
_struct_conn.ptnr1_auth_asym_id 
_struct_conn.ptnr1_auth_comp_id 
_struct_conn.ptnr1_auth_seq_id 
_struct_conn.ptnr2_auth_asym_id 
_struct_conn.ptnr2_auth_comp_id 
_struct_conn.ptnr2_auth_seq_id 
_struct_conn.ptnr2_symmetry 
_struct_conn.pdbx_ptnr3_label_atom_id 
_struct_conn.pdbx_ptnr3_label_seq_id 
_struct_conn.pdbx_ptnr3_label_comp_id 
_struct_conn.pdbx_ptnr3_label_asym_id 
_struct_conn.pdbx_ptnr3_label_alt_id 
_struct_conn.pdbx_ptnr3_PDB_ins_code 
_struct_conn.details 
_struct_conn.pdbx_dist_value 
_struct_conn.pdbx_value_order 
_struct_conn.pdbx_role 
hydrog1  hydrog ? ? A DT 1 N3 ? ? ? 1_555 A DA 6 N1 ? ? A DT 1 A DA 6 8_665 ? ? ? ? ? ? WATSON-CRICK ? ? ? 
hydrog2  hydrog ? ? A DT 1 O4 ? ? ? 1_555 A DA 6 N6 ? ? A DT 1 A DA 6 8_665 ? ? ? ? ? ? WATSON-CRICK ? ? ? 
hydrog3  hydrog ? ? A DG 2 N1 ? ? ? 1_555 A DC 5 N3 ? ? A DG 2 A DC 5 8_665 ? ? ? ? ? ? WATSON-CRICK ? ? ? 
hydrog4  hydrog ? ? A DG 2 N2 ? ? ? 1_555 A DC 5 O2 ? ? A DG 2 A DC 5 8_665 ? ? ? ? ? ? WATSON-CRICK ? ? ? 
hydrog5  hydrog ? ? A DG 2 O6 ? ? ? 1_555 A DC 5 N4 ? ? A DG 2 A DC 5 8_665 ? ? ? ? ? ? WATSON-CRICK ? ? ? 
hydrog6  hydrog ? ? A DA 3 N1 ? ? ? 1_555 A DT 4 N3 ? ? A DA 3 A DT 4 8_665 ? ? ? ? ? ? WATSON-CRICK ? ? ? 
hydrog7  hydrog ? ? A DA 3 N6 ? ? ? 1_555 A DT 4 O4 ? ? A DA 3 A DT 4 8_665 ? ? ? ? ? ? WATSON-CRICK ? ? ? 
hydrog8  hydrog ? ? A DT 4 N3 ? ? ? 1_555 A DA 3 N1 ? ? A DT 4 A DA 3 8_665 ? ? ? ? ? ? WATSON-CRICK ? ? ? 
hydrog9  hydrog ? ? A DT 4 O4 ? ? ? 1_555 A DA 3 N6 ? ? A DT 4 A DA 3 8_665 ? ? ? ? ? ? WATSON-CRICK ? ? ? 
hydrog10 hydrog ? ? A DC 5 N3 ? ? ? 1_555 A DG 2 N1 ? ? A DC 5 A DG 2 8_665 ? ? ? ? ? ? WATSON-CRICK ? ? ? 
hydrog11 hydrog ? ? A DC 5 N4 ? ? ? 1_555 A DG 2 O6 ? ? A DC 5 A DG 2 8_665 ? ? ? ? ? ? WATSON-CRICK ? ? ? 
hydrog12 hydrog ? ? A DC 5 O2 ? ? ? 1_555 A DG 2 N2 ? ? A DC 5 A DG 2 8_665 ? ? ? ? ? ? WATSON-CRICK ? ? ? 
hydrog13 hydrog ? ? A DA 6 N1 ? ? ? 1_555 A DT 1 N3 ? ? A DA 6 A DT 1 8_665 ? ? ? ? ? ? WATSON-CRICK ? ? ? 
hydrog14 hydrog ? ? A DA 6 N6 ? ? ? 1_555 A DT 1 O4 ? ? A DA 6 A DT 1 8_665 ? ? ? ? ? ? WATSON-CRICK ? ? ? 
# 
_struct_conn_type.id          hydrog 
_struct_conn_type.criteria    ? 
_struct_conn_type.reference   ? 
# 
loop_
_struct_site.id 
_struct_site.pdbx_evidence_code 
_struct_site.pdbx_auth_asym_id 
_struct_site.pdbx_auth_comp_id 
_struct_site.pdbx_auth_seq_id 
_struct_site.pdbx_auth_ins_code 
_struct_site.pdbx_num_residues 
_struct_site.details 
AC1 Software A DM6 7 ? 11 'BINDING SITE FOR RESIDUE DM6 A 7' 
1   ?        ? ?   ? ? ?  ?                                  
# 
loop_
_struct_site_gen.id 
_struct_site_gen.site_id 
_struct_site_gen.pdbx_num_res 
_struct_site_gen.label_comp_id 
_struct_site_gen.label_asym_id 
_struct_site_gen.label_seq_id 
_struct_site_gen.pdbx_auth_ins_code 
_struct_site_gen.auth_comp_id 
_struct_site_gen.auth_asym_id 
_struct_site_gen.auth_seq_id 
_struct_site_gen.label_atom_id 
_struct_site_gen.label_alt_id 
_struct_site_gen.symmetry 
_struct_site_gen.details 
1  AC1 11 DT  A 1 ? DT  A 1  . ? 8_665 ? 
2  AC1 11 DG  A 2 ? DG  A 2  . ? 8_665 ? 
3  AC1 11 DA  A 3 ? DA  A 3  . ? 8_665 ? 
4  AC1 11 DT  A 4 ? DT  A 4  . ? 1_555 ? 
5  AC1 11 DT  A 4 ? DT  A 4  . ? 8_665 ? 
6  AC1 11 DC  A 5 ? DC  A 5  . ? 1_555 ? 
7  AC1 11 DA  A 6 ? DA  A 6  . ? 1_555 ? 
8  AC1 11 HOH C . ? HOH A 10 . ? 1_555 ? 
9  AC1 11 HOH C . ? HOH A 21 . ? 1_555 ? 
10 AC1 11 HOH C . ? HOH A 27 . ? 1_555 ? 
11 AC1 11 HOH C . ? HOH A 36 . ? 1_555 ? 
# 
loop_
_pdbx_validate_rmsd_angle.id 
_pdbx_validate_rmsd_angle.PDB_model_num 
_pdbx_validate_rmsd_angle.auth_atom_id_1 
_pdbx_validate_rmsd_angle.auth_asym_id_1 
_pdbx_validate_rmsd_angle.auth_comp_id_1 
_pdbx_validate_rmsd_angle.auth_seq_id_1 
_pdbx_validate_rmsd_angle.PDB_ins_code_1 
_pdbx_validate_rmsd_angle.label_alt_id_1 
_pdbx_validate_rmsd_angle.auth_atom_id_2 
_pdbx_validate_rmsd_angle.auth_asym_id_2 
_pdbx_validate_rmsd_angle.auth_comp_id_2 
_pdbx_validate_rmsd_angle.auth_seq_id_2 
_pdbx_validate_rmsd_angle.PDB_ins_code_2 
_pdbx_validate_rmsd_angle.label_alt_id_2 
_pdbx_validate_rmsd_angle.auth_atom_id_3 
_pdbx_validate_rmsd_angle.auth_asym_id_3 
_pdbx_validate_rmsd_angle.auth_comp_id_3 
_pdbx_validate_rmsd_angle.auth_seq_id_3 
_pdbx_validate_rmsd_angle.PDB_ins_code_3 
_pdbx_validate_rmsd_angle.label_alt_id_3 
_pdbx_validate_rmsd_angle.angle_value 
_pdbx_validate_rmsd_angle.angle_target_value 
_pdbx_validate_rmsd_angle.angle_deviation 
_pdbx_validate_rmsd_angle.angle_standard_deviation 
_pdbx_validate_rmsd_angle.linker_flag 
1  1 "O5'" A DG 2 ? ? "C5'" A DG 2 ? ? "C4'" A DG 2 ? ? 104.13 109.40 -5.27 0.80 N 
2  1 "O4'" A DG 2 ? ? "C1'" A DG 2 ? ? N9    A DG 2 ? ? 116.28 108.30 7.98  0.30 N 
3  1 "O5'" A DA 3 ? ? "C5'" A DA 3 ? ? "C4'" A DA 3 ? ? 104.37 109.40 -5.03 0.80 N 
4  1 C6    A DA 3 ? ? N1    A DA 3 ? ? C2    A DA 3 ? ? 122.63 118.60 4.03  0.60 N 
5  1 "O4'" A DC 5 ? ? "C1'" A DC 5 ? ? N1    A DC 5 ? ? 122.71 108.30 14.41 0.30 N 
6  1 "O5'" A DA 6 ? ? "C5'" A DA 6 ? ? "C4'" A DA 6 ? ? 102.47 109.40 -6.93 0.80 N 
7  1 "O4'" A DA 6 ? ? "C1'" A DA 6 ? ? N9    A DA 6 ? ? 100.65 108.00 -7.35 0.70 N 
8  1 N1    A DA 6 ? ? C2    A DA 6 ? ? N3    A DA 6 ? ? 125.81 129.30 -3.49 0.50 N 
9  1 C5    A DA 6 ? ? C6    A DA 6 ? ? N1    A DA 6 ? ? 114.68 117.70 -3.02 0.50 N 
10 1 N1    A DA 6 ? ? C6    A DA 6 ? ? N6    A DA 6 ? ? 123.10 118.60 4.50  0.60 N 
# 
_struct_site_keywords.site_id   1 
_struct_site_keywords.text      INTERCALATION 
# 
loop_
_refine_B_iso.class 
_refine_B_iso.details 
_refine_B_iso.treatment 
_refine_B_iso.pdbx_refine_id 
'ALL ATOMS'  TR isotropic 'X-RAY DIFFRACTION' 
'ALL DRUGS'  TR isotropic 'X-RAY DIFFRACTION' 
'ALL WATERS' TR isotropic 'X-RAY DIFFRACTION' 
# 
loop_
_refine_occupancy.class 
_refine_occupancy.treatment 
_refine_occupancy.pdbx_refine_id 
'ALL ATOMS'  fix 'X-RAY DIFFRACTION' 
'ALL DRUGS'  fix 'X-RAY DIFFRACTION' 
'ALL WATERS' fix 'X-RAY DIFFRACTION' 
# 
loop_
_chem_comp_atom.comp_id 
_chem_comp_atom.atom_id 
_chem_comp_atom.type_symbol 
_chem_comp_atom.pdbx_aromatic_flag 
_chem_comp_atom.pdbx_stereo_config 
_chem_comp_atom.pdbx_ordinal 
DA  OP3    O N N 1   
DA  P      P N N 2   
DA  OP1    O N N 3   
DA  OP2    O N N 4   
DA  "O5'"  O N N 5   
DA  "C5'"  C N N 6   
DA  "C4'"  C N R 7   
DA  "O4'"  O N N 8   
DA  "C3'"  C N S 9   
DA  "O3'"  O N N 10  
DA  "C2'"  C N N 11  
DA  "C1'"  C N R 12  
DA  N9     N Y N 13  
DA  C8     C Y N 14  
DA  N7     N Y N 15  
DA  C5     C Y N 16  
DA  C6     C Y N 17  
DA  N6     N N N 18  
DA  N1     N Y N 19  
DA  C2     C Y N 20  
DA  N3     N Y N 21  
DA  C4     C Y N 22  
DA  HOP3   H N N 23  
DA  HOP2   H N N 24  
DA  "H5'"  H N N 25  
DA  "H5''" H N N 26  
DA  "H4'"  H N N 27  
DA  "H3'"  H N N 28  
DA  "HO3'" H N N 29  
DA  "H2'"  H N N 30  
DA  "H2''" H N N 31  
DA  "H1'"  H N N 32  
DA  H8     H N N 33  
DA  H61    H N N 34  
DA  H62    H N N 35  
DA  H2     H N N 36  
DC  OP3    O N N 37  
DC  P      P N N 38  
DC  OP1    O N N 39  
DC  OP2    O N N 40  
DC  "O5'"  O N N 41  
DC  "C5'"  C N N 42  
DC  "C4'"  C N R 43  
DC  "O4'"  O N N 44  
DC  "C3'"  C N S 45  
DC  "O3'"  O N N 46  
DC  "C2'"  C N N 47  
DC  "C1'"  C N R 48  
DC  N1     N N N 49  
DC  C2     C N N 50  
DC  O2     O N N 51  
DC  N3     N N N 52  
DC  C4     C N N 53  
DC  N4     N N N 54  
DC  C5     C N N 55  
DC  C6     C N N 56  
DC  HOP3   H N N 57  
DC  HOP2   H N N 58  
DC  "H5'"  H N N 59  
DC  "H5''" H N N 60  
DC  "H4'"  H N N 61  
DC  "H3'"  H N N 62  
DC  "HO3'" H N N 63  
DC  "H2'"  H N N 64  
DC  "H2''" H N N 65  
DC  "H1'"  H N N 66  
DC  H41    H N N 67  
DC  H42    H N N 68  
DC  H5     H N N 69  
DC  H6     H N N 70  
DG  OP3    O N N 71  
DG  P      P N N 72  
DG  OP1    O N N 73  
DG  OP2    O N N 74  
DG  "O5'"  O N N 75  
DG  "C5'"  C N N 76  
DG  "C4'"  C N R 77  
DG  "O4'"  O N N 78  
DG  "C3'"  C N S 79  
DG  "O3'"  O N N 80  
DG  "C2'"  C N N 81  
DG  "C1'"  C N R 82  
DG  N9     N Y N 83  
DG  C8     C Y N 84  
DG  N7     N Y N 85  
DG  C5     C Y N 86  
DG  C6     C N N 87  
DG  O6     O N N 88  
DG  N1     N N N 89  
DG  C2     C N N 90  
DG  N2     N N N 91  
DG  N3     N N N 92  
DG  C4     C Y N 93  
DG  HOP3   H N N 94  
DG  HOP2   H N N 95  
DG  "H5'"  H N N 96  
DG  "H5''" H N N 97  
DG  "H4'"  H N N 98  
DG  "H3'"  H N N 99  
DG  "HO3'" H N N 100 
DG  "H2'"  H N N 101 
DG  "H2''" H N N 102 
DG  "H1'"  H N N 103 
DG  H8     H N N 104 
DG  H1     H N N 105 
DG  H21    H N N 106 
DG  H22    H N N 107 
DM6 C1     C Y N 108 
DM6 C2     C Y N 109 
DM6 C3     C Y N 110 
DM6 C4     C Y N 111 
DM6 C5     C N N 112 
DM6 C6     C Y N 113 
DM6 C7     C N S 114 
DM6 C8     C N N 115 
DM6 C9     C N S 116 
DM6 C10    C N N 117 
DM6 C11    C Y N 118 
DM6 C12    C N N 119 
DM6 C13    C N N 120 
DM6 C14    C N N 121 
DM6 C15    C Y N 122 
DM6 C16    C Y N 123 
DM6 C17    C Y N 124 
DM6 C18    C Y N 125 
DM6 C19    C Y N 126 
DM6 C20    C Y N 127 
DM6 C21    C N N 128 
DM6 O4     O N N 129 
DM6 O5     O N N 130 
DM6 O6     O N N 131 
DM6 O7     O N N 132 
DM6 O9     O N N 133 
DM6 O11    O N N 134 
DM6 O12    O N N 135 
DM6 O13    O N N 136 
DM6 O14    O N N 137 
DM6 "C1'"  C N R 138 
DM6 "C2'"  C N N 139 
DM6 "C3'"  C N S 140 
DM6 "C4'"  C N R 141 
DM6 "C5'"  C N S 142 
DM6 "C6'"  C N N 143 
DM6 "O4'"  O N N 144 
DM6 "O5'"  O N N 145 
DM6 "N3'"  N N N 146 
DM6 H1     H N N 147 
DM6 H2     H N N 148 
DM6 H3     H N N 149 
DM6 H7     H N N 150 
DM6 H81    H N N 151 
DM6 H82    H N N 152 
DM6 H101   H N N 153 
DM6 H102   H N N 154 
DM6 H141   H N N 155 
DM6 H142   H N N 156 
DM6 H211   H N N 157 
DM6 H212   H N N 158 
DM6 H213   H N N 159 
DM6 HO6    H N N 160 
DM6 HO9    H N N 161 
DM6 HO11   H N N 162 
DM6 HO14   H N N 163 
DM6 "H1'"  H N N 164 
DM6 "H2'1" H N N 165 
DM6 "H2'2" H N N 166 
DM6 "H3'"  H N N 167 
DM6 "H4'"  H N N 168 
DM6 "H5'"  H N N 169 
DM6 "H6'1" H N N 170 
DM6 "H6'2" H N N 171 
DM6 "H6'3" H N N 172 
DM6 "HO'4" H N N 173 
DM6 "HN'1" H N N 174 
DM6 "HN'2" H N N 175 
DM6 "HN'3" H N N 176 
DT  OP3    O N N 177 
DT  P      P N N 178 
DT  OP1    O N N 179 
DT  OP2    O N N 180 
DT  "O5'"  O N N 181 
DT  "C5'"  C N N 182 
DT  "C4'"  C N R 183 
DT  "O4'"  O N N 184 
DT  "C3'"  C N S 185 
DT  "O3'"  O N N 186 
DT  "C2'"  C N N 187 
DT  "C1'"  C N R 188 
DT  N1     N N N 189 
DT  C2     C N N 190 
DT  O2     O N N 191 
DT  N3     N N N 192 
DT  C4     C N N 193 
DT  O4     O N N 194 
DT  C5     C N N 195 
DT  C7     C N N 196 
DT  C6     C N N 197 
DT  HOP3   H N N 198 
DT  HOP2   H N N 199 
DT  "H5'"  H N N 200 
DT  "H5''" H N N 201 
DT  "H4'"  H N N 202 
DT  "H3'"  H N N 203 
DT  "HO3'" H N N 204 
DT  "H2'"  H N N 205 
DT  "H2''" H N N 206 
DT  "H1'"  H N N 207 
DT  H3     H N N 208 
DT  H71    H N N 209 
DT  H72    H N N 210 
DT  H73    H N N 211 
DT  H6     H N N 212 
HOH O      O N N 213 
HOH H1     H N N 214 
HOH H2     H N N 215 
# 
loop_
_chem_comp_bond.comp_id 
_chem_comp_bond.atom_id_1 
_chem_comp_bond.atom_id_2 
_chem_comp_bond.value_order 
_chem_comp_bond.pdbx_aromatic_flag 
_chem_comp_bond.pdbx_stereo_config 
_chem_comp_bond.pdbx_ordinal 
DA  OP3   P      sing N N 1   
DA  OP3   HOP3   sing N N 2   
DA  P     OP1    doub N N 3   
DA  P     OP2    sing N N 4   
DA  P     "O5'"  sing N N 5   
DA  OP2   HOP2   sing N N 6   
DA  "O5'" "C5'"  sing N N 7   
DA  "C5'" "C4'"  sing N N 8   
DA  "C5'" "H5'"  sing N N 9   
DA  "C5'" "H5''" sing N N 10  
DA  "C4'" "O4'"  sing N N 11  
DA  "C4'" "C3'"  sing N N 12  
DA  "C4'" "H4'"  sing N N 13  
DA  "O4'" "C1'"  sing N N 14  
DA  "C3'" "O3'"  sing N N 15  
DA  "C3'" "C2'"  sing N N 16  
DA  "C3'" "H3'"  sing N N 17  
DA  "O3'" "HO3'" sing N N 18  
DA  "C2'" "C1'"  sing N N 19  
DA  "C2'" "H2'"  sing N N 20  
DA  "C2'" "H2''" sing N N 21  
DA  "C1'" N9     sing N N 22  
DA  "C1'" "H1'"  sing N N 23  
DA  N9    C8     sing Y N 24  
DA  N9    C4     sing Y N 25  
DA  C8    N7     doub Y N 26  
DA  C8    H8     sing N N 27  
DA  N7    C5     sing Y N 28  
DA  C5    C6     sing Y N 29  
DA  C5    C4     doub Y N 30  
DA  C6    N6     sing N N 31  
DA  C6    N1     doub Y N 32  
DA  N6    H61    sing N N 33  
DA  N6    H62    sing N N 34  
DA  N1    C2     sing Y N 35  
DA  C2    N3     doub Y N 36  
DA  C2    H2     sing N N 37  
DA  N3    C4     sing Y N 38  
DC  OP3   P      sing N N 39  
DC  OP3   HOP3   sing N N 40  
DC  P     OP1    doub N N 41  
DC  P     OP2    sing N N 42  
DC  P     "O5'"  sing N N 43  
DC  OP2   HOP2   sing N N 44  
DC  "O5'" "C5'"  sing N N 45  
DC  "C5'" "C4'"  sing N N 46  
DC  "C5'" "H5'"  sing N N 47  
DC  "C5'" "H5''" sing N N 48  
DC  "C4'" "O4'"  sing N N 49  
DC  "C4'" "C3'"  sing N N 50  
DC  "C4'" "H4'"  sing N N 51  
DC  "O4'" "C1'"  sing N N 52  
DC  "C3'" "O3'"  sing N N 53  
DC  "C3'" "C2'"  sing N N 54  
DC  "C3'" "H3'"  sing N N 55  
DC  "O3'" "HO3'" sing N N 56  
DC  "C2'" "C1'"  sing N N 57  
DC  "C2'" "H2'"  sing N N 58  
DC  "C2'" "H2''" sing N N 59  
DC  "C1'" N1     sing N N 60  
DC  "C1'" "H1'"  sing N N 61  
DC  N1    C2     sing N N 62  
DC  N1    C6     sing N N 63  
DC  C2    O2     doub N N 64  
DC  C2    N3     sing N N 65  
DC  N3    C4     doub N N 66  
DC  C4    N4     sing N N 67  
DC  C4    C5     sing N N 68  
DC  N4    H41    sing N N 69  
DC  N4    H42    sing N N 70  
DC  C5    C6     doub N N 71  
DC  C5    H5     sing N N 72  
DC  C6    H6     sing N N 73  
DG  OP3   P      sing N N 74  
DG  OP3   HOP3   sing N N 75  
DG  P     OP1    doub N N 76  
DG  P     OP2    sing N N 77  
DG  P     "O5'"  sing N N 78  
DG  OP2   HOP2   sing N N 79  
DG  "O5'" "C5'"  sing N N 80  
DG  "C5'" "C4'"  sing N N 81  
DG  "C5'" "H5'"  sing N N 82  
DG  "C5'" "H5''" sing N N 83  
DG  "C4'" "O4'"  sing N N 84  
DG  "C4'" "C3'"  sing N N 85  
DG  "C4'" "H4'"  sing N N 86  
DG  "O4'" "C1'"  sing N N 87  
DG  "C3'" "O3'"  sing N N 88  
DG  "C3'" "C2'"  sing N N 89  
DG  "C3'" "H3'"  sing N N 90  
DG  "O3'" "HO3'" sing N N 91  
DG  "C2'" "C1'"  sing N N 92  
DG  "C2'" "H2'"  sing N N 93  
DG  "C2'" "H2''" sing N N 94  
DG  "C1'" N9     sing N N 95  
DG  "C1'" "H1'"  sing N N 96  
DG  N9    C8     sing Y N 97  
DG  N9    C4     sing Y N 98  
DG  C8    N7     doub Y N 99  
DG  C8    H8     sing N N 100 
DG  N7    C5     sing Y N 101 
DG  C5    C6     sing N N 102 
DG  C5    C4     doub Y N 103 
DG  C6    O6     doub N N 104 
DG  C6    N1     sing N N 105 
DG  N1    C2     sing N N 106 
DG  N1    H1     sing N N 107 
DG  C2    N2     sing N N 108 
DG  C2    N3     doub N N 109 
DG  N2    H21    sing N N 110 
DG  N2    H22    sing N N 111 
DG  N3    C4     sing N N 112 
DM6 C1    C2     doub Y N 113 
DM6 C1    C15    sing Y N 114 
DM6 C1    H1     sing N N 115 
DM6 C2    C3     sing Y N 116 
DM6 C2    H2     sing N N 117 
DM6 C3    C4     doub Y N 118 
DM6 C3    H3     sing N N 119 
DM6 C4    C16    sing Y N 120 
DM6 C4    O4     sing N N 121 
DM6 C5    C16    sing N N 122 
DM6 C5    C17    sing N N 123 
DM6 C5    O5     doub N N 124 
DM6 C6    C17    doub Y N 125 
DM6 C6    C20    sing Y N 126 
DM6 C6    O6     sing N N 127 
DM6 C7    C8     sing N N 128 
DM6 C7    C20    sing N N 129 
DM6 C7    O7     sing N N 130 
DM6 C7    H7     sing N N 131 
DM6 C8    C9     sing N N 132 
DM6 C8    H81    sing N N 133 
DM6 C8    H82    sing N N 134 
DM6 C9    C10    sing N N 135 
DM6 C9    C13    sing N N 136 
DM6 C9    O9     sing N N 137 
DM6 C10   C19    sing N N 138 
DM6 C10   H101   sing N N 139 
DM6 C10   H102   sing N N 140 
DM6 C11   C18    doub Y N 141 
DM6 C11   C19    sing Y N 142 
DM6 C11   O11    sing N N 143 
DM6 C12   C15    sing N N 144 
DM6 C12   C18    sing N N 145 
DM6 C12   O12    doub N N 146 
DM6 C13   C14    sing N N 147 
DM6 C13   O13    doub N N 148 
DM6 C14   O14    sing N N 149 
DM6 C14   H141   sing N N 150 
DM6 C14   H142   sing N N 151 
DM6 C15   C16    doub Y N 152 
DM6 C17   C18    sing Y N 153 
DM6 C19   C20    doub Y N 154 
DM6 C21   O4     sing N N 155 
DM6 C21   H211   sing N N 156 
DM6 C21   H212   sing N N 157 
DM6 C21   H213   sing N N 158 
DM6 O6    HO6    sing N N 159 
DM6 O7    "C1'"  sing N N 160 
DM6 O9    HO9    sing N N 161 
DM6 O11   HO11   sing N N 162 
DM6 O14   HO14   sing N N 163 
DM6 "C1'" "C2'"  sing N N 164 
DM6 "C1'" "O5'"  sing N N 165 
DM6 "C1'" "H1'"  sing N N 166 
DM6 "C2'" "C3'"  sing N N 167 
DM6 "C2'" "H2'1" sing N N 168 
DM6 "C2'" "H2'2" sing N N 169 
DM6 "C3'" "C4'"  sing N N 170 
DM6 "C3'" "N3'"  sing N N 171 
DM6 "C3'" "H3'"  sing N N 172 
DM6 "C4'" "C5'"  sing N N 173 
DM6 "C4'" "O4'"  sing N N 174 
DM6 "C4'" "H4'"  sing N N 175 
DM6 "C5'" "C6'"  sing N N 176 
DM6 "C5'" "O5'"  sing N N 177 
DM6 "C5'" "H5'"  sing N N 178 
DM6 "C6'" "H6'1" sing N N 179 
DM6 "C6'" "H6'2" sing N N 180 
DM6 "C6'" "H6'3" sing N N 181 
DM6 "O4'" "HO'4" sing N N 182 
DM6 "N3'" "HN'1" sing N N 183 
DM6 "N3'" "HN'2" sing N N 184 
DM6 "N3'" "HN'3" sing N N 185 
DT  OP3   P      sing N N 186 
DT  OP3   HOP3   sing N N 187 
DT  P     OP1    doub N N 188 
DT  P     OP2    sing N N 189 
DT  P     "O5'"  sing N N 190 
DT  OP2   HOP2   sing N N 191 
DT  "O5'" "C5'"  sing N N 192 
DT  "C5'" "C4'"  sing N N 193 
DT  "C5'" "H5'"  sing N N 194 
DT  "C5'" "H5''" sing N N 195 
DT  "C4'" "O4'"  sing N N 196 
DT  "C4'" "C3'"  sing N N 197 
DT  "C4'" "H4'"  sing N N 198 
DT  "O4'" "C1'"  sing N N 199 
DT  "C3'" "O3'"  sing N N 200 
DT  "C3'" "C2'"  sing N N 201 
DT  "C3'" "H3'"  sing N N 202 
DT  "O3'" "HO3'" sing N N 203 
DT  "C2'" "C1'"  sing N N 204 
DT  "C2'" "H2'"  sing N N 205 
DT  "C2'" "H2''" sing N N 206 
DT  "C1'" N1     sing N N 207 
DT  "C1'" "H1'"  sing N N 208 
DT  N1    C2     sing N N 209 
DT  N1    C6     sing N N 210 
DT  C2    O2     doub N N 211 
DT  C2    N3     sing N N 212 
DT  N3    C4     sing N N 213 
DT  N3    H3     sing N N 214 
DT  C4    O4     doub N N 215 
DT  C4    C5     sing N N 216 
DT  C5    C7     sing N N 217 
DT  C5    C6     doub N N 218 
DT  C7    H71    sing N N 219 
DT  C7    H72    sing N N 220 
DT  C7    H73    sing N N 221 
DT  C6    H6     sing N N 222 
HOH O     H1     sing N N 223 
HOH O     H2     sing N N 224 
# 
loop_
_ndb_struct_conf_na.entry_id 
_ndb_struct_conf_na.feature 
1D58 'double helix'        
1D58 'b-form double helix' 
# 
loop_
_ndb_struct_na_base_pair.model_number 
_ndb_struct_na_base_pair.i_label_asym_id 
_ndb_struct_na_base_pair.i_label_comp_id 
_ndb_struct_na_base_pair.i_label_seq_id 
_ndb_struct_na_base_pair.i_symmetry 
_ndb_struct_na_base_pair.j_label_asym_id 
_ndb_struct_na_base_pair.j_label_comp_id 
_ndb_struct_na_base_pair.j_label_seq_id 
_ndb_struct_na_base_pair.j_symmetry 
_ndb_struct_na_base_pair.shear 
_ndb_struct_na_base_pair.stretch 
_ndb_struct_na_base_pair.stagger 
_ndb_struct_na_base_pair.buckle 
_ndb_struct_na_base_pair.propeller 
_ndb_struct_na_base_pair.opening 
_ndb_struct_na_base_pair.pair_number 
_ndb_struct_na_base_pair.pair_name 
_ndb_struct_na_base_pair.i_auth_asym_id 
_ndb_struct_na_base_pair.i_auth_seq_id 
_ndb_struct_na_base_pair.i_PDB_ins_code 
_ndb_struct_na_base_pair.j_auth_asym_id 
_ndb_struct_na_base_pair.j_auth_seq_id 
_ndb_struct_na_base_pair.j_PDB_ins_code 
_ndb_struct_na_base_pair.hbond_type_28 
_ndb_struct_na_base_pair.hbond_type_12 
1 A DT 1 1_555 A DA 6 8_665 -0.104 -0.211 0.012  8.250   0.544  -0.714 1 A_DT1:DA6_A A 1 ? A 6 ? 20 1 
1 A DG 2 1_555 A DC 5 8_665 -0.064 -0.229 -0.261 -14.919 1.507  -1.356 2 A_DG2:DC5_A A 2 ? A 5 ? 19 1 
1 A DA 3 1_555 A DT 4 8_665 0.183  -0.153 0.174  -9.697  -1.659 2.866  3 A_DA3:DT4_A A 3 ? A 4 ? 20 1 
1 A DT 4 1_555 A DA 3 8_665 -0.183 -0.153 0.174  9.697   -1.659 2.866  4 A_DT4:DA3_A A 4 ? A 3 ? 20 1 
1 A DC 5 1_555 A DG 2 8_665 0.064  -0.229 -0.261 14.919  1.507  -1.356 5 A_DC5:DG2_A A 5 ? A 2 ? 19 1 
1 A DA 6 1_555 A DT 1 8_665 0.104  -0.211 0.012  -8.250  0.544  -0.714 6 A_DA6:DT1_A A 6 ? A 1 ? 20 1 
# 
loop_
_ndb_struct_na_base_pair_step.model_number 
_ndb_struct_na_base_pair_step.i_label_asym_id_1 
_ndb_struct_na_base_pair_step.i_label_comp_id_1 
_ndb_struct_na_base_pair_step.i_label_seq_id_1 
_ndb_struct_na_base_pair_step.i_symmetry_1 
_ndb_struct_na_base_pair_step.j_label_asym_id_1 
_ndb_struct_na_base_pair_step.j_label_comp_id_1 
_ndb_struct_na_base_pair_step.j_label_seq_id_1 
_ndb_struct_na_base_pair_step.j_symmetry_1 
_ndb_struct_na_base_pair_step.i_label_asym_id_2 
_ndb_struct_na_base_pair_step.i_label_comp_id_2 
_ndb_struct_na_base_pair_step.i_label_seq_id_2 
_ndb_struct_na_base_pair_step.i_symmetry_2 
_ndb_struct_na_base_pair_step.j_label_asym_id_2 
_ndb_struct_na_base_pair_step.j_label_comp_id_2 
_ndb_struct_na_base_pair_step.j_label_seq_id_2 
_ndb_struct_na_base_pair_step.j_symmetry_2 
_ndb_struct_na_base_pair_step.shift 
_ndb_struct_na_base_pair_step.slide 
_ndb_struct_na_base_pair_step.rise 
_ndb_struct_na_base_pair_step.tilt 
_ndb_struct_na_base_pair_step.roll 
_ndb_struct_na_base_pair_step.twist 
_ndb_struct_na_base_pair_step.x_displacement 
_ndb_struct_na_base_pair_step.y_displacement 
_ndb_struct_na_base_pair_step.helical_rise 
_ndb_struct_na_base_pair_step.inclination 
_ndb_struct_na_base_pair_step.tip 
_ndb_struct_na_base_pair_step.helical_twist 
_ndb_struct_na_base_pair_step.step_number 
_ndb_struct_na_base_pair_step.step_name 
_ndb_struct_na_base_pair_step.i_auth_asym_id_1 
_ndb_struct_na_base_pair_step.i_auth_seq_id_1 
_ndb_struct_na_base_pair_step.i_PDB_ins_code_1 
_ndb_struct_na_base_pair_step.j_auth_asym_id_1 
_ndb_struct_na_base_pair_step.j_auth_seq_id_1 
_ndb_struct_na_base_pair_step.j_PDB_ins_code_1 
_ndb_struct_na_base_pair_step.i_auth_asym_id_2 
_ndb_struct_na_base_pair_step.i_auth_seq_id_2 
_ndb_struct_na_base_pair_step.i_PDB_ins_code_2 
_ndb_struct_na_base_pair_step.j_auth_asym_id_2 
_ndb_struct_na_base_pair_step.j_auth_seq_id_2 
_ndb_struct_na_base_pair_step.j_PDB_ins_code_2 
1 A DT 1 1_555 A DA 6 8_665 A DG 2 1_555 A DC 5 8_665 1.253  1.073  6.976 1.589  -2.260 37.658 2.280  -1.499 6.948 -3.495 -2.457  
37.756 1 AA_DT1DG2:DC5DA6_AA A 1 ? A 6 ? A 2 ? A 5 ? 
1 A DG 2 1_555 A DC 5 8_665 A DA 3 1_555 A DT 4 8_665 -1.224 0.396  3.309 -6.336 0.160  30.207 0.712  1.006  3.490 0.302  11.993  
30.850 2 AA_DG2DA3:DT4DC5_AA A 2 ? A 5 ? A 3 ? A 4 ? 
1 A DA 3 1_555 A DT 4 8_665 A DT 4 1_555 A DA 3 8_665 0.000  -0.746 3.008 0.000  3.631  31.110 -2.003 0.000  2.904 6.741  0.000   
31.316 3 AA_DA3DT4:DA3DT4_AA A 3 ? A 4 ? A 4 ? A 3 ? 
1 A DT 4 1_555 A DA 3 8_665 A DC 5 1_555 A DG 2 8_665 1.224  0.396  3.309 6.336  0.160  30.207 0.712  -1.006 3.490 0.302  -11.993 
30.850 4 AA_DT4DC5:DG2DA3_AA A 4 ? A 3 ? A 5 ? A 2 ? 
1 A DC 5 1_555 A DG 2 8_665 A DA 6 1_555 A DT 1 8_665 -1.253 1.073  6.976 -1.589 -2.260 37.658 2.280  1.499  6.948 -3.495 2.457   
37.756 5 AA_DC5DA6:DT1DG2_AA A 5 ? A 2 ? A 6 ? A 1 ? 
# 
_atom_sites.entry_id                    1D58 
_atom_sites.fract_transf_matrix[1][1]   -0.01179113 
_atom_sites.fract_transf_matrix[1][2]   -0.01264062 
_atom_sites.fract_transf_matrix[1][3]   0.03123121 
_atom_sites.fract_transf_matrix[2][1]   0.01212476 
_atom_sites.fract_transf_matrix[2][2]   -0.03246367 
_atom_sites.fract_transf_matrix[2][3]   -0.00856183 
_atom_sites.fract_transf_matrix[3][1]   0.01663251 
_atom_sites.fract_transf_matrix[3][2]   0.00411648 
_atom_sites.fract_transf_matrix[3][3]   0.00794562 
_atom_sites.fract_transf_vector[1]      0.585062 
_atom_sites.fract_transf_vector[2]      0.531150 
_atom_sites.fract_transf_vector[3]      0.216258 
# 
loop_
_atom_type.symbol 
C 
N 
O 
P 
# 
loop_
_atom_site.group_PDB 
_atom_site.id 
_atom_site.type_symbol 
_atom_site.label_atom_id 
_atom_site.label_alt_id 
_atom_site.label_comp_id 
_atom_site.label_asym_id 
_atom_site.label_entity_id 
_atom_site.label_seq_id 
_atom_site.pdbx_PDB_ins_code 
_atom_site.Cartn_x 
_atom_site.Cartn_y 
_atom_site.Cartn_z 
_atom_site.occupancy 
_atom_site.B_iso_or_equiv 
_atom_site.pdbx_formal_charge 
_atom_site.auth_seq_id 
_atom_site.auth_comp_id 
_atom_site.auth_asym_id 
_atom_site.auth_atom_id 
_atom_site.pdbx_PDB_model_num 
ATOM   1   O "O5'" . DT  A 1 1 ? 14.447  0.141  -2.470 1.00 18.65 ? 1  DT  A "O5'" 1 
ATOM   2   C "C5'" . DT  A 1 1 ? 15.345  -0.847 -1.925 1.00 14.88 ? 1  DT  A "C5'" 1 
ATOM   3   C "C4'" . DT  A 1 1 ? 14.989  -0.943 -0.476 1.00 17.43 ? 1  DT  A "C4'" 1 
ATOM   4   O "O4'" . DT  A 1 1 ? 15.188  0.295  0.142  1.00 15.20 ? 1  DT  A "O4'" 1 
ATOM   5   C "C3'" . DT  A 1 1 ? 13.526  -1.335 -0.244 1.00 21.44 ? 1  DT  A "C3'" 1 
ATOM   6   O "O3'" . DT  A 1 1 ? 13.479  -2.461 0.665  1.00 22.65 ? 1  DT  A "O3'" 1 
ATOM   7   C "C2'" . DT  A 1 1 ? 12.898  -0.113 0.399  1.00 18.41 ? 1  DT  A "C2'" 1 
ATOM   8   C "C1'" . DT  A 1 1 ? 14.099  0.569  1.068  1.00 12.53 ? 1  DT  A "C1'" 1 
ATOM   9   N N1    . DT  A 1 1 ? 13.839  2.030  1.058  1.00 12.08 ? 1  DT  A N1    1 
ATOM   10  C C2    . DT  A 1 1 ? 13.324  2.603  2.207  1.00 8.27  ? 1  DT  A C2    1 
ATOM   11  O O2    . DT  A 1 1 ? 13.086  1.941  3.223  1.00 8.10  ? 1  DT  A O2    1 
ATOM   12  N N3    . DT  A 1 1 ? 13.075  3.939  2.161  1.00 8.56  ? 1  DT  A N3    1 
ATOM   13  C C4    . DT  A 1 1 ? 13.308  4.723  1.064  1.00 5.95  ? 1  DT  A C4    1 
ATOM   14  O O4    . DT  A 1 1 ? 13.074  5.958  1.140  1.00 6.99  ? 1  DT  A O4    1 
ATOM   15  C C5    . DT  A 1 1 ? 13.810  4.086  -0.111 1.00 8.37  ? 1  DT  A C5    1 
ATOM   16  C C7    . DT  A 1 1 ? 14.090  4.890  -1.349 1.00 10.01 ? 1  DT  A C7    1 
ATOM   17  C C6    . DT  A 1 1 ? 14.070  2.776  -0.064 1.00 9.79  ? 1  DT  A C6    1 
ATOM   18  P P     . DG  A 1 2 ? 12.732  -3.798 0.191  1.00 22.63 ? 2  DG  A P     1 
ATOM   19  O OP1   . DG  A 1 2 ? 13.364  -4.827 1.063  1.00 25.96 ? 2  DG  A OP1   1 
ATOM   20  O OP2   . DG  A 1 2 ? 12.833  -4.000 -1.275 1.00 24.75 ? 2  DG  A OP2   1 
ATOM   21  O "O5'" . DG  A 1 2 ? 11.206  -3.525 0.624  1.00 20.67 ? 2  DG  A "O5'" 1 
ATOM   22  C "C5'" . DG  A 1 2 ? 11.037  -3.453 2.088  1.00 16.21 ? 2  DG  A "C5'" 1 
ATOM   23  C "C4'" . DG  A 1 2 ? 9.599   -3.050 2.272  1.00 16.05 ? 2  DG  A "C4'" 1 
ATOM   24  O "O4'" . DG  A 1 2 ? 9.425   -1.725 1.850  1.00 13.33 ? 2  DG  A "O4'" 1 
ATOM   25  C "C3'" . DG  A 1 2 ? 8.636   -3.902 1.419  1.00 15.83 ? 2  DG  A "C3'" 1 
ATOM   26  O "O3'" . DG  A 1 2 ? 7.404   -4.031 2.151  1.00 22.07 ? 2  DG  A "O3'" 1 
ATOM   27  C "C2'" . DG  A 1 2 ? 8.407   -3.008 0.203  1.00 13.40 ? 2  DG  A "C2'" 1 
ATOM   28  C "C1'" . DG  A 1 2 ? 8.327   -1.687 0.931  1.00 13.16 ? 2  DG  A "C1'" 1 
ATOM   29  N N9    . DG  A 1 2 ? 8.267   -0.528 0.040  1.00 10.90 ? 2  DG  A N9    1 
ATOM   30  C C8    . DG  A 1 2 ? 8.766   -0.404 -1.233 1.00 10.12 ? 2  DG  A C8    1 
ATOM   31  N N7    . DG  A 1 2 ? 8.543   0.765  -1.773 1.00 13.49 ? 2  DG  A N7    1 
ATOM   32  C C5    . DG  A 1 2 ? 7.814   1.468  -0.802 1.00 9.51  ? 2  DG  A C5    1 
ATOM   33  C C6    . DG  A 1 2 ? 7.310   2.776  -0.800 1.00 5.97  ? 2  DG  A C6    1 
ATOM   34  O O6    . DG  A 1 2 ? 7.363   3.613  -1.699 1.00 9.92  ? 2  DG  A O6    1 
ATOM   35  N N1    . DG  A 1 2 ? 6.704   3.138  0.370  1.00 4.73  ? 2  DG  A N1    1 
ATOM   36  C C2    . DG  A 1 2 ? 6.574   2.278  1.439  1.00 2.41  ? 2  DG  A C2    1 
ATOM   37  N N2    . DG  A 1 2 ? 5.913   2.780  2.463  1.00 4.27  ? 2  DG  A N2    1 
ATOM   38  N N3    . DG  A 1 2 ? 7.046   1.037  1.483  1.00 6.45  ? 2  DG  A N3    1 
ATOM   39  C C4    . DG  A 1 2 ? 7.663   0.690  0.333  1.00 7.74  ? 2  DG  A C4    1 
ATOM   40  P P     . DA  A 1 3 ? 6.760   -5.498 2.335  1.00 22.59 ? 3  DA  A P     1 
ATOM   41  O OP1   . DA  A 1 3 ? 7.741   -6.362 3.045  1.00 21.93 ? 3  DA  A OP1   1 
ATOM   42  O OP2   . DA  A 1 3 ? 6.349   -5.934 0.992  1.00 22.69 ? 3  DA  A OP2   1 
ATOM   43  O "O5'" . DA  A 1 3 ? 5.523   -5.207 3.312  1.00 20.94 ? 3  DA  A "O5'" 1 
ATOM   44  C "C5'" . DA  A 1 3 ? 5.791   -4.754 4.669  1.00 17.48 ? 3  DA  A "C5'" 1 
ATOM   45  C "C4'" . DA  A 1 3 ? 4.778   -3.641 4.903  1.00 16.75 ? 3  DA  A "C4'" 1 
ATOM   46  O "O4'" . DA  A 1 3 ? 5.116   -2.488 4.153  1.00 12.71 ? 3  DA  A "O4'" 1 
ATOM   47  C "C3'" . DA  A 1 3 ? 3.370   -4.049 4.514  1.00 15.49 ? 3  DA  A "C3'" 1 
ATOM   48  O "O3'" . DA  A 1 3 ? 2.515   -4.200 5.626  1.00 17.15 ? 3  DA  A "O3'" 1 
ATOM   49  C "C2'" . DA  A 1 3 ? 2.920   -2.999 3.527  1.00 17.23 ? 3  DA  A "C2'" 1 
ATOM   50  C "C1'" . DA  A 1 3 ? 3.888   -1.850 3.710  1.00 14.69 ? 3  DA  A "C1'" 1 
ATOM   51  N N9    . DA  A 1 3 ? 4.116   -1.346 2.345  1.00 10.67 ? 3  DA  A N9    1 
ATOM   52  C C8    . DA  A 1 3 ? 4.740   -1.975 1.302  1.00 13.40 ? 3  DA  A C8    1 
ATOM   53  N N7    . DA  A 1 3 ? 4.763   -1.247 0.207  1.00 12.18 ? 3  DA  A N7    1 
ATOM   54  C C5    . DA  A 1 3 ? 4.112   -0.096 0.560  1.00 10.12 ? 3  DA  A C5    1 
ATOM   55  C C6    . DA  A 1 3 ? 3.786   1.076  -0.171 1.00 8.36  ? 3  DA  A C6    1 
ATOM   56  N N6    . DA  A 1 3 ? 4.145   1.305  -1.431 1.00 9.99  ? 3  DA  A N6    1 
ATOM   57  N N1    . DA  A 1 3 ? 3.113   2.025  0.533  1.00 7.43  ? 3  DA  A N1    1 
ATOM   58  C C2    . DA  A 1 3 ? 2.761   1.859  1.821  1.00 8.78  ? 3  DA  A C2    1 
ATOM   59  N N3    . DA  A 1 3 ? 3.007   0.791  2.578  1.00 8.72  ? 3  DA  A N3    1 
ATOM   60  C C4    . DA  A 1 3 ? 3.688   -0.151 1.867  1.00 9.95  ? 3  DA  A C4    1 
ATOM   61  P P     . DT  A 1 4 ? 0.975   -4.649 5.407  1.00 17.90 ? 4  DT  A P     1 
ATOM   62  O OP1   . DT  A 1 4 ? 0.542   -5.289 6.684  1.00 23.54 ? 4  DT  A OP1   1 
ATOM   63  O OP2   . DT  A 1 4 ? 0.973   -5.467 4.188  1.00 18.24 ? 4  DT  A OP2   1 
ATOM   64  O "O5'" . DT  A 1 4 ? 0.217   -3.249 5.159  1.00 16.68 ? 4  DT  A "O5'" 1 
ATOM   65  C "C5'" . DT  A 1 4 ? 0.161   -2.246 6.193  1.00 17.04 ? 4  DT  A "C5'" 1 
ATOM   66  C "C4'" . DT  A 1 4 ? -0.739  -1.141 5.680  1.00 17.66 ? 4  DT  A "C4'" 1 
ATOM   67  O "O4'" . DT  A 1 4 ? -0.197  -0.583 4.519  1.00 17.92 ? 4  DT  A "O4'" 1 
ATOM   68  C "C3'" . DT  A 1 4 ? -2.169  -1.548 5.360  1.00 18.19 ? 4  DT  A "C3'" 1 
ATOM   69  O "O3'" . DT  A 1 4 ? -3.099  -0.782 6.117  1.00 20.28 ? 4  DT  A "O3'" 1 
ATOM   70  C "C2'" . DT  A 1 4 ? -2.293  -1.348 3.867  1.00 16.20 ? 4  DT  A "C2'" 1 
ATOM   71  C "C1'" . DT  A 1 4 ? -1.267  -0.297 3.555  1.00 15.09 ? 4  DT  A "C1'" 1 
ATOM   72  N N1    . DT  A 1 4 ? -0.635  -0.466 2.230  1.00 10.65 ? 4  DT  A N1    1 
ATOM   73  C C2    . DT  A 1 4 ? -0.582  0.632  1.399  1.00 10.26 ? 4  DT  A C2    1 
ATOM   74  O O2    . DT  A 1 4 ? -1.114  1.695  1.724  1.00 13.68 ? 4  DT  A O2    1 
ATOM   75  N N3    . DT  A 1 4 ? 0.063   0.476  0.205  1.00 7.99  ? 4  DT  A N3    1 
ATOM   76  C C4    . DT  A 1 4 ? 0.640   -0.676 -0.203 1.00 8.64  ? 4  DT  A C4    1 
ATOM   77  O O4    . DT  A 1 4 ? 1.204   -0.713 -1.342 1.00 6.97  ? 4  DT  A O4    1 
ATOM   78  C C5    . DT  A 1 4 ? 0.579   -1.794 0.691  1.00 9.30  ? 4  DT  A C5    1 
ATOM   79  C C7    . DT  A 1 4 ? 1.226   -3.102 0.344  1.00 9.36  ? 4  DT  A C7    1 
ATOM   80  C C6    . DT  A 1 4 ? -0.037  -1.641 1.865  1.00 9.41  ? 4  DT  A C6    1 
ATOM   81  P P     . DC  A 1 5 ? -4.652  -1.081 6.276  1.00 22.87 ? 5  DC  A P     1 
ATOM   82  O OP1   . DC  A 1 5 ? -5.146  -0.224 7.397  1.00 24.38 ? 5  DC  A OP1   1 
ATOM   83  O OP2   . DC  A 1 5 ? -4.846  -2.528 6.489  1.00 24.01 ? 5  DC  A OP2   1 
ATOM   84  O "O5'" . DC  A 1 5 ? -5.295  -0.588 4.888  1.00 20.78 ? 5  DC  A "O5'" 1 
ATOM   85  C "C5'" . DC  A 1 5 ? -5.455  0.835  4.661  1.00 16.43 ? 5  DC  A "C5'" 1 
ATOM   86  C "C4'" . DC  A 1 5 ? -5.977  0.961  3.259  1.00 15.90 ? 5  DC  A "C4'" 1 
ATOM   87  O "O4'" . DC  A 1 5 ? -4.886  0.754  2.342  1.00 15.13 ? 5  DC  A "O4'" 1 
ATOM   88  C "C3'" . DC  A 1 5 ? -7.076  -0.029 2.863  1.00 15.01 ? 5  DC  A "C3'" 1 
ATOM   89  O "O3'" . DC  A 1 5 ? -7.954  0.642  1.924  1.00 18.25 ? 5  DC  A "O3'" 1 
ATOM   90  C "C2'" . DC  A 1 5 ? -6.279  -1.109 2.105  1.00 12.44 ? 5  DC  A "C2'" 1 
ATOM   91  C "C1'" . DC  A 1 5 ? -5.188  -0.272 1.493  1.00 11.42 ? 5  DC  A "C1'" 1 
ATOM   92  N N1    . DC  A 1 5 ? -4.194  -0.932 0.682  1.00 11.49 ? 5  DC  A N1    1 
ATOM   93  C C2    . DC  A 1 5 ? -3.640  -0.205 -0.374 1.00 9.30  ? 5  DC  A C2    1 
ATOM   94  O O2    . DC  A 1 5 ? -3.882  0.981  -0.495 1.00 9.34  ? 5  DC  A O2    1 
ATOM   95  N N3    . DC  A 1 5 ? -2.809  -0.851 -1.224 1.00 7.23  ? 5  DC  A N3    1 
ATOM   96  C C4    . DC  A 1 5 ? -2.476  -2.139 -1.067 1.00 6.20  ? 5  DC  A C4    1 
ATOM   97  N N4    . DC  A 1 5 ? -1.648  -2.727 -1.914 1.00 5.01  ? 5  DC  A N4    1 
ATOM   98  C C5    . DC  A 1 5 ? -3.026  -2.879 0.015  1.00 7.91  ? 5  DC  A C5    1 
ATOM   99  C C6    . DC  A 1 5 ? -3.866  -2.253 0.845  1.00 9.47  ? 5  DC  A C6    1 
ATOM   100 P P     . DA  A 1 6 ? -9.281  1.316  2.440  1.00 20.50 ? 6  DA  A P     1 
ATOM   101 O OP1   . DA  A 1 6 ? -8.953  2.202  3.598  1.00 23.21 ? 6  DA  A OP1   1 
ATOM   102 O OP2   . DA  A 1 6 ? -10.181 0.179  2.650  1.00 18.37 ? 6  DA  A OP2   1 
ATOM   103 O "O5'" . DA  A 1 6 ? -9.877  2.250  1.317  1.00 16.79 ? 6  DA  A "O5'" 1 
ATOM   104 C "C5'" . DA  A 1 6 ? -9.208  3.489  1.010  1.00 17.91 ? 6  DA  A "C5'" 1 
ATOM   105 C "C4'" . DA  A 1 6 ? -9.970  3.981  -0.205 1.00 12.78 ? 6  DA  A "C4'" 1 
ATOM   106 O "O4'" . DA  A 1 6 ? -9.696  3.174  -1.315 1.00 10.65 ? 6  DA  A "O4'" 1 
ATOM   107 C "C3'" . DA  A 1 6 ? -11.490 4.037  -0.035 1.00 10.96 ? 6  DA  A "C3'" 1 
ATOM   108 O "O3'" . DA  A 1 6 ? -11.949 5.198  -0.744 1.00 13.45 ? 6  DA  A "O3'" 1 
ATOM   109 C "C2'" . DA  A 1 6 ? -11.917 2.747  -0.738 1.00 8.67  ? 6  DA  A "C2'" 1 
ATOM   110 C "C1'" . DA  A 1 6 ? -10.939 2.650  -1.891 1.00 8.08  ? 6  DA  A "C1'" 1 
ATOM   111 N N9    . DA  A 1 6 ? -10.536 1.270  -2.195 1.00 7.70  ? 6  DA  A N9    1 
ATOM   112 C C8    . DA  A 1 6 ? -10.562 0.174  -1.358 1.00 9.03  ? 6  DA  A C8    1 
ATOM   113 N N7    . DA  A 1 6 ? -10.035 -0.882 -1.903 1.00 6.53  ? 6  DA  A N7    1 
ATOM   114 C C5    . DA  A 1 6 ? -9.605  -0.465 -3.145 1.00 8.11  ? 6  DA  A C5    1 
ATOM   115 C C6    . DA  A 1 6 ? -8.996  -1.157 -4.200 1.00 5.51  ? 6  DA  A C6    1 
ATOM   116 N N6    . DA  A 1 6 ? -8.733  -2.444 -4.134 1.00 6.78  ? 6  DA  A N6    1 
ATOM   117 N N1    . DA  A 1 6 ? -8.713  -0.387 -5.306 1.00 6.06  ? 6  DA  A N1    1 
ATOM   118 C C2    . DA  A 1 6 ? -9.043  0.910  -5.375 1.00 2.82  ? 6  DA  A C2    1 
ATOM   119 N N3    . DA  A 1 6 ? -9.641  1.597  -4.440 1.00 5.46  ? 6  DA  A N3    1 
ATOM   120 C C4    . DA  A 1 6 ? -9.893  0.866  -3.332 1.00 6.29  ? 6  DA  A C4    1 
HETATM 121 C C1    . DM6 B 2 . ? -4.076  -4.266 -4.190 1.00 8.62  ? 7  DM6 A C1    1 
HETATM 122 C C2    . DM6 B 2 . ? -4.172  -5.287 -3.410 1.00 9.93  ? 7  DM6 A C2    1 
HETATM 123 C C3    . DM6 B 2 . ? -4.882  -5.114 -2.279 1.00 10.26 ? 7  DM6 A C3    1 
HETATM 124 C C4    . DM6 B 2 . ? -5.434  -4.009 -1.973 1.00 8.03  ? 7  DM6 A C4    1 
HETATM 125 C C5    . DM6 B 2 . ? -5.968  -1.556 -2.427 1.00 6.18  ? 7  DM6 A C5    1 
HETATM 126 C C6    . DM6 B 2 . ? -6.303  0.763  -3.078 1.00 7.43  ? 7  DM6 A C6    1 
HETATM 127 C C7    . DM6 B 2 . ? -6.604  3.208  -3.652 1.00 9.59  ? 7  DM6 A C7    1 
HETATM 128 C C8    . DM6 B 2 . ? -6.516  4.162  -4.809 1.00 9.11  ? 7  DM6 A C8    1 
HETATM 129 C C9    . DM6 B 2 . ? -5.254  4.064  -5.524 1.00 10.41 ? 7  DM6 A C9    1 
HETATM 130 C C10   . DM6 B 2 . ? -5.315  2.753  -6.152 1.00 9.04  ? 7  DM6 A C10   1 
HETATM 131 C C11   . DM6 B 2 . ? -4.916  0.394  -5.426 1.00 8.04  ? 7  DM6 A C11   1 
HETATM 132 C C12   . DM6 B 2 . ? -4.481  -1.910 -4.904 1.00 6.71  ? 7  DM6 A C12   1 
HETATM 133 C C13   . DM6 B 2 . ? -5.539  5.110  -6.679 1.00 11.80 ? 7  DM6 A C13   1 
HETATM 134 C C14   . DM6 B 2 . ? -5.359  6.562  -6.510 1.00 13.13 ? 7  DM6 A C14   1 
HETATM 135 C C15   . DM6 B 2 . ? -4.640  -3.009 -3.951 1.00 6.62  ? 7  DM6 A C15   1 
HETATM 136 C C16   . DM6 B 2 . ? -5.347  -2.901 -2.779 1.00 8.14  ? 7  DM6 A C16   1 
HETATM 137 C C17   . DM6 B 2 . ? -5.711  -0.471 -3.389 1.00 6.89  ? 7  DM6 A C17   1 
HETATM 138 C C18   . DM6 B 2 . ? -5.065  -0.681 -4.608 1.00 6.19  ? 7  DM6 A C18   1 
HETATM 139 C C19   . DM6 B 2 . ? -5.442  1.674  -5.215 1.00 8.90  ? 7  DM6 A C19   1 
HETATM 140 C C20   . DM6 B 2 . ? -6.120  1.835  -4.055 1.00 7.24  ? 7  DM6 A C20   1 
HETATM 141 C C21   . DM6 B 2 . ? -6.335  -5.122 0.111  1.00 10.43 ? 7  DM6 A C21   1 
HETATM 142 O O4    . DM6 B 2 . ? -6.154  -3.950 -0.809 1.00 9.67  ? 7  DM6 A O4    1 
HETATM 143 O O5    . DM6 B 2 . ? -6.798  -1.408 -1.409 1.00 9.90  ? 7  DM6 A O5    1 
HETATM 144 O O6    . DM6 B 2 . ? -6.985  0.961  -1.943 1.00 9.11  ? 7  DM6 A O6    1 
HETATM 145 O O7    . DM6 B 2 . ? -5.963  3.761  -2.538 1.00 11.86 ? 7  DM6 A O7    1 
HETATM 146 O O9    . DM6 B 2 . ? -4.142  4.381  -4.833 1.00 7.90  ? 7  DM6 A O9    1 
HETATM 147 O O11   . DM6 B 2 . ? -4.312  0.074  -6.650 1.00 9.44  ? 7  DM6 A O11   1 
HETATM 148 O O12   . DM6 B 2 . ? -3.962  -2.163 -5.985 1.00 11.57 ? 7  DM6 A O12   1 
HETATM 149 O O13   . DM6 B 2 . ? -6.161  4.922  -7.771 1.00 14.72 ? 7  DM6 A O13   1 
HETATM 150 O O14   . DM6 B 2 . ? -4.662  7.265  -7.441 1.00 19.81 ? 7  DM6 A O14   1 
HETATM 151 C "C1'" . DM6 B 2 . ? -6.353  4.545  -1.310 1.00 13.18 ? 7  DM6 A "C1'" 1 
HETATM 152 C "C2'" . DM6 B 2 . ? -5.685  3.867  -0.116 1.00 14.34 ? 7  DM6 A "C2'" 1 
HETATM 153 C "C3'" . DM6 B 2 . ? -4.289  4.334  0.079  1.00 16.36 ? 7  DM6 A "C3'" 1 
HETATM 154 C "C4'" . DM6 B 2 . ? -4.024  5.802  -0.102 1.00 16.16 ? 7  DM6 A "C4'" 1 
HETATM 155 C "C5'" . DM6 B 2 . ? -4.590  6.068  -1.434 1.00 17.45 ? 7  DM6 A "C5'" 1 
HETATM 156 C "C6'" . DM6 B 2 . ? -3.991  7.337  -1.860 1.00 15.28 ? 7  DM6 A "C6'" 1 
HETATM 157 O "O4'" . DM6 B 2 . ? -2.696  6.038  0.028  1.00 19.93 ? 7  DM6 A "O4'" 1 
HETATM 158 O "O5'" . DM6 B 2 . ? -5.976  5.830  -1.644 1.00 16.46 ? 7  DM6 A "O5'" 1 
HETATM 159 N "N3'" . DM6 B 2 . ? -3.666  3.714  1.327  1.00 14.01 ? 7  DM6 A "N3'" 1 
HETATM 160 O O     . HOH C 3 . ? 13.673  8.388  -0.439 1.00 20.96 ? 8  HOH A O     1 
HETATM 161 O O     . HOH C 3 . ? -1.169  -5.948 -1.010 1.00 25.81 ? 9  HOH A O     1 
HETATM 162 O O     . HOH C 3 . ? -1.206  4.846  2.162  1.00 53.67 ? 10 HOH A O     1 
HETATM 163 O O     . HOH C 3 . ? -10.140 4.257  -5.252 1.00 15.74 ? 11 HOH A O     1 
HETATM 164 O O     . HOH C 3 . ? 13.653  -0.520 4.833  1.00 47.10 ? 12 HOH A O     1 
HETATM 165 O O     . HOH C 3 . ? -7.451  9.186  -7.368 1.00 52.30 ? 13 HOH A O     1 
HETATM 166 O O     . HOH C 3 . ? -9.260  -2.953 -0.249 1.00 26.41 ? 14 HOH A O     1 
HETATM 167 O O     . HOH C 3 . ? -8.149  -8.247 -2.338 1.00 24.35 ? 15 HOH A O     1 
HETATM 168 O O     . HOH C 3 . ? -8.525  -5.056 -3.254 1.00 35.60 ? 16 HOH A O     1 
HETATM 169 O O     . HOH C 3 . ? 9.205   1.696  -4.261 1.00 40.76 ? 17 HOH A O     1 
HETATM 170 O O     . HOH C 3 . ? 13.305  7.823  -3.608 1.00 56.12 ? 18 HOH A O     1 
HETATM 171 O O     . HOH C 3 . ? 5.321   -1.818 -2.526 1.00 32.79 ? 19 HOH A O     1 
HETATM 172 O O     . HOH C 3 . ? 10.905  -2.340 -2.894 1.00 35.42 ? 20 HOH A O     1 
HETATM 173 O O     . HOH C 3 . ? -4.973  10.027 -6.172 1.00 30.21 ? 21 HOH A O     1 
HETATM 174 O O     . HOH C 3 . ? 15.981  2.311  -3.407 1.00 40.94 ? 22 HOH A O     1 
HETATM 175 O O     . HOH C 3 . ? -5.085  -3.809 3.664  1.00 30.99 ? 23 HOH A O     1 
HETATM 176 O O     . HOH C 3 . ? -9.331  -2.873 3.758  1.00 61.70 ? 24 HOH A O     1 
HETATM 177 O O     . HOH C 3 . ? -10.002 -5.941 -0.837 1.00 65.14 ? 25 HOH A O     1 
HETATM 178 O O     . HOH C 3 . ? 15.954  -6.193 0.238  1.00 59.03 ? 26 HOH A O     1 
HETATM 179 O O     . HOH C 3 . ? -1.816  -3.766 -7.406 1.00 48.67 ? 27 HOH A O     1 
HETATM 180 O O     . HOH C 3 . ? -0.500  -5.122 -4.301 1.00 38.90 ? 28 HOH A O     1 
HETATM 181 O O     . HOH C 3 . ? -6.651  5.920  2.492  1.00 44.85 ? 29 HOH A O     1 
HETATM 182 O O     . HOH C 3 . ? -6.740  2.410  7.861  1.00 49.59 ? 30 HOH A O     1 
HETATM 183 O O     . HOH C 3 . ? -9.104  1.407  6.342  1.00 48.96 ? 31 HOH A O     1 
HETATM 184 O O     . HOH C 3 . ? -1.307  -4.862 2.691  1.00 40.01 ? 32 HOH A O     1 
HETATM 185 O O     . HOH C 3 . ? 5.725   0.669  -4.095 1.00 34.80 ? 33 HOH A O     1 
HETATM 186 O O     . HOH C 3 . ? 10.495  -7.844 2.204  1.00 48.87 ? 34 HOH A O     1 
HETATM 187 O O     . HOH C 3 . ? -3.800  -5.061 6.127  1.00 56.29 ? 35 HOH A O     1 
HETATM 188 O O     . HOH C 3 . ? -4.196  4.167  3.962  1.00 53.35 ? 36 HOH A O     1 
HETATM 189 O O     . HOH C 3 . ? 2.178   -2.501 -3.157 1.00 56.06 ? 37 HOH A O     1 
HETATM 190 O O     . HOH C 3 . ? -12.704 -2.656 1.684  1.00 65.69 ? 38 HOH A O     1 
HETATM 191 O O     . HOH C 3 . ? -10.733 6.389  -3.328 1.00 33.94 ? 39 HOH A O     1 
HETATM 192 O O     . HOH C 3 . ? -2.810  7.892  2.730  1.00 45.90 ? 40 HOH A O     1 
HETATM 193 O O     . HOH C 3 . ? 2.644   -6.449 1.738  1.00 36.25 ? 41 HOH A O     1 
# 
